data_4NKF
#
_entry.id   4NKF
#
_cell.length_a   111.450
_cell.length_b   111.450
_cell.length_c   67.530
_cell.angle_alpha   90.00
_cell.angle_beta   90.00
_cell.angle_gamma   90.00
#
_symmetry.space_group_name_H-M   'P 41 21 2'
#
loop_
_entity.id
_entity.type
_entity.pdbx_description
1 polymer 'Farnesyl pyrophosphate synthase'
2 non-polymer 'MAGNESIUM ION'
3 non-polymer PAMIDRONATE
4 non-polymer 1,2-ETHANEDIOL
5 non-polymer DI(HYDROXYETHYL)ETHER
6 water water
#
_entity_poly.entity_id   1
_entity_poly.type   'polypeptide(L)'
_entity_poly.pdbx_seq_one_letter_code
;MGSSHHHHHHSSGRENLYFQGHMNGDQNSDVYAQEKQDFVQHFSQIVRVLTEDEMGHPEIGDAIARLKEVLEYNTIGGKY
NRGLTVVVAFRELVEPRKQDADSLQRAWTVGWCVELLQAFFLVADDIMDSSLTRRGQICWYQKPGVGLDAINDANLLEAC
IYRLLKLYCREQPYYLNLIELFLQSSYQTEIGQTLDLLTAPQGNVDLVRFTEKRYKSIVKYKTAFYSFYLPIAAAMYMAG
IDGEKEHANAKKILLEMGEFAQIQDDYLDLFGDPSVTGKIGTDIQDNKCSWLVVQCLQRATPEQYQILKENYGQKEAEKV
ARVKALYEELDLPAVFLQYEEDSYSHIMALIEQYAAPLPPAVFLGLARKIYKRRK
;
_entity_poly.pdbx_strand_id   A
#
loop_
_chem_comp.id
_chem_comp.type
_chem_comp.name
_chem_comp.formula
210 non-polymer PAMIDRONATE 'C3 H11 N O7 P2'
EDO non-polymer 1,2-ETHANEDIOL 'C2 H6 O2'
MG non-polymer 'MAGNESIUM ION' 'Mg 2'
PEG non-polymer DI(HYDROXYETHYL)ETHER 'C4 H10 O3'
#
# COMPACT_ATOMS: atom_id res chain seq x y z
N ASP A 30 2.58 17.48 -13.48
CA ASP A 30 2.30 16.12 -13.04
C ASP A 30 0.82 15.78 -13.22
N VAL A 31 0.53 14.66 -13.92
CA VAL A 31 -0.81 14.16 -14.25
C VAL A 31 -1.61 13.77 -12.96
N TYR A 32 -0.90 13.47 -11.85
CA TYR A 32 -1.47 13.14 -10.54
C TYR A 32 -1.83 14.42 -9.76
N ALA A 33 -0.89 15.41 -9.69
CA ALA A 33 -0.98 16.67 -8.95
C ALA A 33 -2.22 17.50 -9.30
N GLN A 34 -2.64 17.47 -10.58
CA GLN A 34 -3.82 18.17 -11.07
C GLN A 34 -5.10 17.44 -10.61
N GLU A 35 -5.20 16.16 -10.99
CA GLU A 35 -6.33 15.28 -10.72
C GLU A 35 -6.55 14.97 -9.21
N LYS A 36 -5.58 15.34 -8.33
N LYS A 36 -5.58 15.34 -8.33
CA LYS A 36 -5.61 15.11 -6.88
CA LYS A 36 -5.63 15.09 -6.88
C LYS A 36 -6.79 15.81 -6.20
C LYS A 36 -6.80 15.80 -6.21
N GLN A 37 -6.97 17.12 -6.44
CA GLN A 37 -8.06 17.91 -5.84
C GLN A 37 -9.43 17.44 -6.35
N ASP A 38 -9.51 17.07 -7.64
CA ASP A 38 -10.74 16.58 -8.26
C ASP A 38 -11.10 15.23 -7.67
N PHE A 39 -10.10 14.41 -7.30
CA PHE A 39 -10.29 13.09 -6.69
C PHE A 39 -10.88 13.23 -5.30
N VAL A 40 -10.30 14.14 -4.46
CA VAL A 40 -10.69 14.41 -3.07
C VAL A 40 -12.11 15.00 -3.02
N GLN A 41 -12.47 15.82 -4.01
CA GLN A 41 -13.79 16.45 -4.10
C GLN A 41 -14.90 15.39 -4.26
N HIS A 42 -14.56 14.23 -4.79
CA HIS A 42 -15.53 13.17 -5.00
C HIS A 42 -15.74 12.33 -3.75
N PHE A 43 -14.90 12.51 -2.70
CA PHE A 43 -15.03 11.76 -1.43
C PHE A 43 -16.39 12.07 -0.78
N SER A 44 -16.80 13.35 -0.73
CA SER A 44 -18.09 13.82 -0.19
C SER A 44 -19.28 12.99 -0.73
N GLN A 45 -19.29 12.70 -2.07
CA GLN A 45 -20.34 11.90 -2.69
C GLN A 45 -20.26 10.46 -2.21
N ILE A 46 -19.04 9.89 -2.15
CA ILE A 46 -18.81 8.51 -1.68
C ILE A 46 -19.39 8.36 -0.26
N VAL A 47 -19.06 9.30 0.67
CA VAL A 47 -19.55 9.26 2.04
C VAL A 47 -21.08 9.38 2.06
N ARG A 48 -21.66 10.33 1.29
CA ARG A 48 -23.12 10.52 1.20
C ARG A 48 -23.84 9.25 0.73
N VAL A 49 -23.33 8.62 -0.33
CA VAL A 49 -23.90 7.39 -0.93
C VAL A 49 -23.76 6.23 0.09
N LEU A 50 -22.63 6.15 0.83
CA LEU A 50 -22.42 5.09 1.82
C LEU A 50 -23.19 5.32 3.14
N THR A 51 -23.65 6.55 3.39
CA THR A 51 -24.39 6.98 4.58
C THR A 51 -25.90 7.16 4.22
N GLU A 52 -26.28 6.94 2.93
CA GLU A 52 -27.66 7.06 2.46
C GLU A 52 -28.52 5.90 2.96
N HIS A 57 -33.54 3.04 6.43
CA HIS A 57 -33.52 2.30 7.70
C HIS A 57 -33.01 3.23 8.84
N PRO A 58 -33.92 3.86 9.63
CA PRO A 58 -33.45 4.75 10.71
C PRO A 58 -32.89 4.00 11.92
N GLU A 59 -33.16 2.68 12.02
CA GLU A 59 -32.72 1.78 13.11
C GLU A 59 -31.17 1.69 13.20
N ILE A 60 -30.47 1.69 12.06
CA ILE A 60 -29.02 1.58 11.97
C ILE A 60 -28.33 2.96 11.95
N GLY A 61 -29.10 4.02 12.24
CA GLY A 61 -28.65 5.42 12.25
C GLY A 61 -27.33 5.65 12.93
N ASP A 62 -27.20 5.17 14.18
CA ASP A 62 -26.01 5.28 15.02
C ASP A 62 -24.82 4.58 14.40
N ALA A 63 -25.02 3.39 13.81
CA ALA A 63 -23.97 2.60 13.15
C ALA A 63 -23.46 3.32 11.91
N ILE A 64 -24.37 3.91 11.15
CA ILE A 64 -24.08 4.67 9.92
C ILE A 64 -23.29 5.95 10.28
N ALA A 65 -23.67 6.63 11.38
CA ALA A 65 -22.94 7.81 11.86
C ALA A 65 -21.51 7.42 12.26
N ARG A 66 -21.32 6.21 12.83
CA ARG A 66 -19.98 5.72 13.20
C ARG A 66 -19.17 5.37 11.95
N LEU A 67 -19.82 4.80 10.89
CA LEU A 67 -19.13 4.46 9.64
C LEU A 67 -18.58 5.71 8.98
N LYS A 68 -19.37 6.81 9.00
CA LYS A 68 -18.97 8.10 8.45
C LYS A 68 -17.73 8.61 9.21
N GLU A 69 -17.72 8.47 10.54
CA GLU A 69 -16.57 8.88 11.37
C GLU A 69 -15.30 8.06 11.01
N VAL A 70 -15.46 6.74 10.79
CA VAL A 70 -14.37 5.83 10.44
C VAL A 70 -13.78 6.23 9.05
N LEU A 71 -14.66 6.47 8.06
CA LEU A 71 -14.29 6.90 6.71
C LEU A 71 -13.53 8.21 6.72
N GLU A 72 -14.07 9.20 7.43
CA GLU A 72 -13.49 10.54 7.47
C GLU A 72 -12.16 10.56 8.22
N TYR A 73 -11.98 9.70 9.21
CA TYR A 73 -10.72 9.67 9.95
C TYR A 73 -9.63 8.93 9.19
N ASN A 74 -9.98 7.77 8.57
CA ASN A 74 -9.02 6.85 7.96
C ASN A 74 -8.82 6.87 6.44
N THR A 75 -9.82 7.27 5.64
CA THR A 75 -9.63 7.21 4.18
C THR A 75 -9.11 8.54 3.60
N ILE A 76 -9.21 9.64 4.36
CA ILE A 76 -8.74 10.97 3.92
C ILE A 76 -7.56 11.40 4.81
N GLY A 77 -6.52 11.95 4.17
CA GLY A 77 -5.30 12.45 4.83
C GLY A 77 -4.00 11.97 4.21
N GLY A 78 -4.09 11.00 3.30
CA GLY A 78 -2.95 10.40 2.62
C GLY A 78 -2.63 11.14 1.33
N LYS A 79 -1.78 10.54 0.48
CA LYS A 79 -1.36 11.13 -0.80
C LYS A 79 -2.30 10.71 -1.93
N TYR A 80 -3.13 9.66 -1.71
CA TYR A 80 -4.13 9.05 -2.62
C TYR A 80 -3.51 8.56 -3.90
N ASN A 81 -2.24 8.14 -3.88
CA ASN A 81 -1.57 7.69 -5.10
C ASN A 81 -2.15 6.41 -5.69
N ARG A 82 -2.65 5.47 -4.86
CA ARG A 82 -3.22 4.22 -5.40
C ARG A 82 -4.56 4.48 -6.07
N GLY A 83 -5.39 5.31 -5.44
CA GLY A 83 -6.71 5.67 -5.96
C GLY A 83 -6.65 6.53 -7.21
N LEU A 84 -5.69 7.45 -7.25
CA LEU A 84 -5.47 8.32 -8.41
C LEU A 84 -4.95 7.52 -9.59
N THR A 85 -4.16 6.46 -9.33
CA THR A 85 -3.60 5.58 -10.37
C THR A 85 -4.77 5.00 -11.19
N VAL A 86 -5.90 4.63 -10.53
CA VAL A 86 -7.08 4.09 -11.25
C VAL A 86 -7.58 5.13 -12.26
N VAL A 87 -7.81 6.36 -11.77
CA VAL A 87 -8.36 7.46 -12.58
C VAL A 87 -7.42 7.84 -13.74
N VAL A 88 -6.12 8.03 -13.45
CA VAL A 88 -5.13 8.42 -14.46
C VAL A 88 -5.00 7.30 -15.51
N ALA A 89 -4.86 6.03 -15.07
CA ALA A 89 -4.75 4.91 -15.99
C ALA A 89 -6.01 4.79 -16.85
N PHE A 90 -7.21 4.94 -16.23
CA PHE A 90 -8.49 4.88 -16.97
C PHE A 90 -8.52 5.93 -18.11
N ARG A 91 -8.19 7.20 -17.80
CA ARG A 91 -8.16 8.29 -18.80
C ARG A 91 -7.16 8.04 -19.93
N GLU A 92 -6.09 7.27 -19.66
CA GLU A 92 -5.05 6.97 -20.63
C GLU A 92 -5.37 5.71 -21.45
N LEU A 93 -6.22 4.82 -20.93
CA LEU A 93 -6.55 3.57 -21.59
C LEU A 93 -7.89 3.63 -22.36
N VAL A 94 -8.81 4.52 -21.95
CA VAL A 94 -10.13 4.62 -22.58
C VAL A 94 -10.14 5.79 -23.56
N GLU A 95 -10.74 5.57 -24.76
CA GLU A 95 -10.94 6.55 -25.82
C GLU A 95 -11.75 7.74 -25.26
N PRO A 96 -11.32 9.01 -25.43
CA PRO A 96 -12.07 10.14 -24.85
C PRO A 96 -13.55 10.22 -25.21
N ARG A 97 -13.96 9.74 -26.41
CA ARG A 97 -15.38 9.71 -26.82
C ARG A 97 -16.20 8.71 -25.98
N LYS A 98 -15.50 7.76 -25.31
CA LYS A 98 -16.08 6.73 -24.44
C LYS A 98 -15.98 7.13 -22.95
N GLN A 99 -15.31 8.27 -22.66
CA GLN A 99 -15.14 8.78 -21.29
C GLN A 99 -16.30 9.71 -20.89
N ASP A 100 -17.53 9.19 -20.92
CA ASP A 100 -18.74 9.94 -20.53
C ASP A 100 -18.78 10.20 -18.99
N ALA A 101 -19.71 11.07 -18.54
CA ALA A 101 -19.89 11.46 -17.13
C ALA A 101 -20.04 10.23 -16.21
N ASP A 102 -20.87 9.23 -16.61
CA ASP A 102 -21.09 7.99 -15.87
C ASP A 102 -19.83 7.13 -15.80
N SER A 103 -19.11 7.02 -16.95
CA SER A 103 -17.86 6.24 -17.03
C SER A 103 -16.80 6.80 -16.09
N LEU A 104 -16.61 8.13 -16.08
CA LEU A 104 -15.63 8.81 -15.23
C LEU A 104 -15.99 8.69 -13.76
N GLN A 105 -17.30 8.77 -13.43
CA GLN A 105 -17.84 8.62 -12.08
C GLN A 105 -17.52 7.21 -11.56
N ARG A 106 -17.66 6.19 -12.42
CA ARG A 106 -17.33 4.81 -12.07
C ARG A 106 -15.83 4.69 -11.86
N ALA A 107 -15.01 5.45 -12.64
CA ALA A 107 -13.54 5.41 -12.49
C ALA A 107 -13.08 5.98 -11.12
N TRP A 108 -13.61 7.16 -10.70
N TRP A 108 -13.59 7.17 -10.67
CA TRP A 108 -13.30 7.82 -9.42
CA TRP A 108 -13.13 7.70 -9.39
C TRP A 108 -13.74 6.95 -8.25
C TRP A 108 -13.75 6.96 -8.20
N THR A 109 -14.90 6.27 -8.40
CA THR A 109 -15.50 5.41 -7.37
C THR A 109 -14.58 4.20 -7.17
N VAL A 110 -14.12 3.55 -8.27
CA VAL A 110 -13.22 2.39 -8.16
C VAL A 110 -11.85 2.85 -7.54
N GLY A 111 -11.42 4.05 -7.86
CA GLY A 111 -10.23 4.64 -7.24
C GLY A 111 -10.42 4.77 -5.74
N TRP A 112 -11.61 5.20 -5.31
CA TRP A 112 -11.91 5.30 -3.89
C TRP A 112 -12.05 3.90 -3.24
N CYS A 113 -12.46 2.85 -4.01
CA CYS A 113 -12.49 1.48 -3.50
C CYS A 113 -11.07 0.99 -3.18
N VAL A 114 -10.07 1.34 -4.01
CA VAL A 114 -8.67 0.99 -3.77
C VAL A 114 -8.19 1.71 -2.49
N GLU A 115 -8.61 2.97 -2.27
CA GLU A 115 -8.25 3.72 -1.05
C GLU A 115 -8.91 3.09 0.20
N LEU A 116 -10.14 2.56 0.04
CA LEU A 116 -10.87 1.89 1.13
C LEU A 116 -10.19 0.57 1.50
N LEU A 117 -9.70 -0.17 0.50
CA LEU A 117 -8.98 -1.42 0.72
C LEU A 117 -7.73 -1.15 1.51
N GLN A 118 -6.99 -0.10 1.11
CA GLN A 118 -5.79 0.27 1.81
C GLN A 118 -6.14 0.66 3.28
N ALA A 119 -7.21 1.45 3.48
CA ALA A 119 -7.64 1.89 4.81
C ALA A 119 -7.98 0.69 5.67
N PHE A 120 -8.65 -0.34 5.12
CA PHE A 120 -8.94 -1.58 5.84
C PHE A 120 -7.63 -2.20 6.34
N PHE A 121 -6.66 -2.44 5.42
CA PHE A 121 -5.37 -3.05 5.78
C PHE A 121 -4.57 -2.25 6.80
N LEU A 122 -4.57 -0.92 6.66
CA LEU A 122 -3.75 -0.06 7.53
C LEU A 122 -4.32 0.06 8.93
N VAL A 123 -5.65 0.10 9.09
CA VAL A 123 -6.26 0.18 10.43
C VAL A 123 -5.87 -1.08 11.24
N ALA A 124 -5.90 -2.24 10.58
CA ALA A 124 -5.54 -3.51 11.19
C ALA A 124 -4.01 -3.67 11.33
N ASP A 125 -3.21 -3.29 10.31
CA ASP A 125 -1.75 -3.40 10.37
C ASP A 125 -1.21 -2.55 11.53
N ASP A 126 -1.83 -1.35 11.81
CA ASP A 126 -1.40 -0.49 12.93
C ASP A 126 -1.62 -1.16 14.28
N ILE A 127 -2.69 -1.92 14.43
CA ILE A 127 -2.93 -2.66 15.67
C ILE A 127 -1.87 -3.77 15.84
N MET A 128 -1.66 -4.58 14.78
CA MET A 128 -0.73 -5.72 14.88
C MET A 128 0.76 -5.29 14.93
N ASP A 129 1.11 -4.09 14.40
CA ASP A 129 2.49 -3.58 14.46
C ASP A 129 2.71 -2.67 15.67
N SER A 130 1.67 -2.53 16.54
CA SER A 130 1.69 -1.65 17.72
C SER A 130 2.15 -0.23 17.33
N SER A 131 1.59 0.34 16.24
CA SER A 131 2.01 1.67 15.80
C SER A 131 1.34 2.76 16.63
N LEU A 132 1.88 3.99 16.56
CA LEU A 132 1.41 5.12 17.33
C LEU A 132 0.69 6.12 16.48
N THR A 133 1.29 6.49 15.32
CA THR A 133 0.70 7.48 14.44
C THR A 133 0.65 6.99 13.01
N ARG A 134 -0.20 7.63 12.22
CA ARG A 134 -0.40 7.39 10.80
C ARG A 134 -0.94 8.66 10.18
N ARG A 135 -0.39 9.08 9.00
CA ARG A 135 -0.83 10.27 8.27
C ARG A 135 -0.93 11.51 9.18
N GLY A 136 0.07 11.71 10.05
CA GLY A 136 0.15 12.87 10.93
C GLY A 136 -0.74 12.93 12.15
N GLN A 137 -1.52 11.87 12.44
CA GLN A 137 -2.41 11.85 13.63
C GLN A 137 -2.29 10.50 14.34
N ILE A 138 -2.77 10.39 15.59
CA ILE A 138 -2.71 9.12 16.32
C ILE A 138 -3.51 8.05 15.56
N CYS A 139 -3.06 6.81 15.64
CA CYS A 139 -3.73 5.68 14.99
C CYS A 139 -5.15 5.57 15.51
N TRP A 140 -6.11 5.26 14.62
CA TRP A 140 -7.53 5.14 14.95
C TRP A 140 -7.74 4.29 16.23
N TYR A 141 -7.07 3.11 16.36
CA TYR A 141 -7.23 2.25 17.54
C TYR A 141 -6.66 2.86 18.82
N GLN A 142 -5.68 3.77 18.71
CA GLN A 142 -5.08 4.45 19.88
C GLN A 142 -6.00 5.55 20.41
N LYS A 143 -7.08 5.88 19.67
CA LYS A 143 -8.02 6.91 20.10
C LYS A 143 -8.82 6.47 21.31
N PRO A 144 -8.91 7.35 22.34
CA PRO A 144 -9.73 7.03 23.51
C PRO A 144 -11.18 6.75 23.09
N GLY A 145 -11.68 5.59 23.50
CA GLY A 145 -13.04 5.19 23.19
C GLY A 145 -13.17 4.36 21.92
N VAL A 146 -12.03 4.06 21.25
CA VAL A 146 -12.02 3.22 20.04
C VAL A 146 -11.42 1.85 20.43
N GLY A 147 -10.12 1.79 20.70
CA GLY A 147 -9.43 0.56 21.09
C GLY A 147 -9.62 -0.57 20.10
N LEU A 148 -9.89 -1.78 20.61
CA LEU A 148 -10.05 -2.97 19.75
C LEU A 148 -11.37 -2.97 18.94
N ASP A 149 -12.29 -2.02 19.20
CA ASP A 149 -13.46 -1.86 18.31
C ASP A 149 -13.03 -1.49 16.88
N ALA A 150 -11.78 -1.00 16.70
CA ALA A 150 -11.19 -0.66 15.39
C ALA A 150 -11.14 -1.89 14.49
N ILE A 151 -11.11 -3.12 15.08
CA ILE A 151 -11.13 -4.37 14.30
C ILE A 151 -12.39 -4.38 13.45
N ASN A 152 -13.57 -4.09 14.05
CA ASN A 152 -14.84 -4.09 13.31
C ASN A 152 -14.90 -2.92 12.33
N ASP A 153 -14.39 -1.75 12.74
CA ASP A 153 -14.30 -0.55 11.90
C ASP A 153 -13.51 -0.86 10.63
N ALA A 154 -12.39 -1.60 10.75
CA ALA A 154 -11.59 -2.00 9.60
C ALA A 154 -12.42 -2.89 8.65
N ASN A 155 -13.14 -3.88 9.20
CA ASN A 155 -14.00 -4.78 8.43
C ASN A 155 -15.10 -4.00 7.69
N LEU A 156 -15.70 -2.96 8.31
CA LEU A 156 -16.70 -2.10 7.66
C LEU A 156 -16.10 -1.37 6.46
N LEU A 157 -14.84 -0.95 6.57
CA LEU A 157 -14.17 -0.26 5.45
C LEU A 157 -14.06 -1.19 4.25
N GLU A 158 -13.74 -2.46 4.50
CA GLU A 158 -13.60 -3.49 3.46
C GLU A 158 -14.99 -3.76 2.82
N ALA A 159 -16.06 -3.80 3.65
CA ALA A 159 -17.44 -4.04 3.22
C ALA A 159 -17.95 -2.95 2.26
N CYS A 160 -17.52 -1.69 2.48
CA CYS A 160 -17.89 -0.50 1.71
C CYS A 160 -17.43 -0.60 0.27
N ILE A 161 -16.30 -1.29 0.00
CA ILE A 161 -15.78 -1.51 -1.34
C ILE A 161 -16.85 -2.20 -2.20
N TYR A 162 -17.42 -3.31 -1.67
CA TYR A 162 -18.39 -4.12 -2.42
C TYR A 162 -19.74 -3.43 -2.48
N ARG A 163 -20.02 -2.52 -1.53
N ARG A 163 -20.03 -2.52 -1.53
CA ARG A 163 -21.23 -1.69 -1.53
CA ARG A 163 -21.27 -1.72 -1.59
C ARG A 163 -21.17 -0.73 -2.72
C ARG A 163 -21.17 -0.74 -2.77
N LEU A 164 -20.00 -0.09 -2.93
CA LEU A 164 -19.76 0.86 -4.03
C LEU A 164 -19.71 0.17 -5.38
N LEU A 165 -19.02 -1.00 -5.48
CA LEU A 165 -18.98 -1.77 -6.72
C LEU A 165 -20.39 -2.16 -7.16
N LYS A 166 -21.26 -2.56 -6.21
CA LYS A 166 -22.63 -2.92 -6.54
C LYS A 166 -23.43 -1.70 -7.01
N LEU A 167 -23.31 -0.56 -6.30
CA LEU A 167 -24.09 0.64 -6.58
C LEU A 167 -23.73 1.32 -7.92
N TYR A 168 -22.47 1.19 -8.37
CA TYR A 168 -22.00 1.85 -9.59
C TYR A 168 -21.62 0.93 -10.75
N CYS A 169 -21.18 -0.31 -10.51
CA CYS A 169 -20.64 -1.16 -11.58
C CYS A 169 -21.45 -2.44 -11.86
N ARG A 170 -22.55 -2.70 -11.12
CA ARG A 170 -23.39 -3.90 -11.20
C ARG A 170 -23.82 -4.28 -12.64
N GLU A 171 -24.19 -3.30 -13.47
CA GLU A 171 -24.66 -3.56 -14.83
C GLU A 171 -23.53 -3.55 -15.88
N GLN A 172 -22.27 -3.34 -15.47
CA GLN A 172 -21.11 -3.28 -16.38
C GLN A 172 -20.55 -4.68 -16.71
N PRO A 173 -19.92 -4.88 -17.90
CA PRO A 173 -19.42 -6.22 -18.23
C PRO A 173 -18.20 -6.66 -17.40
N TYR A 174 -17.49 -5.70 -16.79
CA TYR A 174 -16.29 -5.95 -15.98
C TYR A 174 -16.59 -6.13 -14.48
N TYR A 175 -17.89 -6.12 -14.07
CA TYR A 175 -18.33 -6.22 -12.68
C TYR A 175 -17.69 -7.39 -11.91
N LEU A 176 -17.86 -8.63 -12.41
CA LEU A 176 -17.29 -9.82 -11.78
C LEU A 176 -15.76 -9.78 -11.77
N ASN A 177 -15.13 -9.32 -12.85
CA ASN A 177 -13.68 -9.18 -12.92
C ASN A 177 -13.15 -8.27 -11.81
N LEU A 178 -13.86 -7.14 -11.53
CA LEU A 178 -13.47 -6.19 -10.48
C LEU A 178 -13.64 -6.81 -9.10
N ILE A 179 -14.81 -7.42 -8.83
CA ILE A 179 -15.09 -8.08 -7.55
C ILE A 179 -13.97 -9.11 -7.26
N GLU A 180 -13.68 -9.99 -8.25
CA GLU A 180 -12.66 -11.04 -8.12
C GLU A 180 -11.27 -10.44 -7.94
N LEU A 181 -10.97 -9.31 -8.61
CA LEU A 181 -9.66 -8.66 -8.46
C LEU A 181 -9.48 -8.13 -7.03
N PHE A 182 -10.51 -7.48 -6.48
CA PHE A 182 -10.41 -6.94 -5.11
C PHE A 182 -10.33 -8.08 -4.08
N LEU A 183 -11.06 -9.19 -4.29
CA LEU A 183 -11.03 -10.34 -3.36
C LEU A 183 -9.66 -11.02 -3.39
N GLN A 184 -9.13 -11.24 -4.61
CA GLN A 184 -7.82 -11.87 -4.85
C GLN A 184 -6.71 -10.99 -4.26
N SER A 185 -6.81 -9.65 -4.41
CA SER A 185 -5.82 -8.73 -3.86
C SER A 185 -5.82 -8.78 -2.33
N SER A 186 -6.99 -8.93 -1.71
CA SER A 186 -7.14 -9.05 -0.24
C SER A 186 -6.49 -10.34 0.26
N TYR A 187 -6.75 -11.48 -0.44
CA TYR A 187 -6.15 -12.77 -0.09
C TYR A 187 -4.60 -12.73 -0.15
N GLN A 188 -4.03 -12.21 -1.26
N GLN A 188 -4.03 -12.23 -1.26
CA GLN A 188 -2.59 -12.08 -1.47
CA GLN A 188 -2.58 -12.11 -1.45
C GLN A 188 -1.96 -11.25 -0.36
C GLN A 188 -1.94 -11.25 -0.36
N THR A 189 -2.58 -10.12 -0.01
CA THR A 189 -2.08 -9.18 1.01
C THR A 189 -2.07 -9.84 2.39
N GLU A 190 -3.15 -10.53 2.72
CA GLU A 190 -3.33 -11.24 3.99
C GLU A 190 -2.31 -12.38 4.13
N ILE A 191 -2.00 -13.08 3.02
CA ILE A 191 -0.98 -14.13 2.99
C ILE A 191 0.39 -13.46 3.25
N GLY A 192 0.62 -12.31 2.64
CA GLY A 192 1.84 -11.52 2.83
C GLY A 192 2.00 -11.07 4.28
N GLN A 193 0.91 -10.54 4.88
CA GLN A 193 0.89 -10.11 6.30
C GLN A 193 1.17 -11.31 7.24
N THR A 194 0.66 -12.53 6.93
CA THR A 194 0.92 -13.74 7.73
C THR A 194 2.42 -14.02 7.72
N LEU A 195 3.05 -13.97 6.52
CA LEU A 195 4.49 -14.18 6.34
C LEU A 195 5.29 -13.12 7.11
N ASP A 196 4.84 -11.85 7.03
CA ASP A 196 5.44 -10.72 7.73
C ASP A 196 5.44 -11.02 9.24
N LEU A 197 4.28 -11.44 9.79
CA LEU A 197 4.13 -11.68 11.24
C LEU A 197 4.86 -12.94 11.71
N LEU A 198 4.88 -14.02 10.90
CA LEU A 198 5.59 -15.28 11.23
C LEU A 198 7.11 -15.10 11.29
N THR A 199 7.66 -14.22 10.45
CA THR A 199 9.10 -13.95 10.39
C THR A 199 9.52 -12.98 11.53
N ALA A 200 8.56 -12.28 12.12
CA ALA A 200 8.79 -11.28 13.17
C ALA A 200 8.21 -11.70 14.53
N PRO A 201 8.54 -12.86 15.13
CA PRO A 201 7.91 -13.18 16.41
C PRO A 201 8.41 -12.28 17.53
N GLN A 202 7.49 -11.81 18.37
CA GLN A 202 7.79 -10.95 19.51
C GLN A 202 8.46 -11.80 20.59
N GLY A 203 9.57 -11.32 21.10
CA GLY A 203 10.31 -12.02 22.15
C GLY A 203 11.32 -13.05 21.69
N ASN A 204 11.41 -13.31 20.36
CA ASN A 204 12.34 -14.31 19.81
C ASN A 204 13.36 -13.68 18.88
N VAL A 205 14.65 -14.10 19.00
CA VAL A 205 15.73 -13.68 18.11
C VAL A 205 15.50 -14.41 16.78
N ASP A 206 15.24 -13.65 15.69
CA ASP A 206 14.88 -14.27 14.41
C ASP A 206 15.84 -13.92 13.24
N LEU A 207 17.13 -13.63 13.50
CA LEU A 207 18.10 -13.22 12.47
C LEU A 207 18.32 -14.27 11.37
N VAL A 208 18.22 -15.58 11.69
CA VAL A 208 18.36 -16.70 10.74
C VAL A 208 17.33 -16.57 9.60
N ARG A 209 16.10 -16.17 9.94
CA ARG A 209 14.98 -16.01 9.01
C ARG A 209 15.14 -14.81 8.07
N PHE A 210 15.90 -13.78 8.48
CA PHE A 210 16.02 -12.55 7.69
C PHE A 210 16.96 -12.69 6.48
N THR A 211 16.48 -13.39 5.46
CA THR A 211 17.22 -13.62 4.22
C THR A 211 16.60 -12.80 3.10
N GLU A 212 17.37 -12.59 2.02
CA GLU A 212 16.91 -11.86 0.84
C GLU A 212 15.73 -12.59 0.19
N LYS A 213 15.81 -13.93 0.11
CA LYS A 213 14.74 -14.76 -0.50
C LYS A 213 13.44 -14.61 0.30
N ARG A 214 13.53 -14.60 1.65
CA ARG A 214 12.36 -14.43 2.51
C ARG A 214 11.78 -13.04 2.35
N TYR A 215 12.63 -12.02 2.36
CA TYR A 215 12.22 -10.64 2.21
C TYR A 215 11.42 -10.44 0.91
N LYS A 216 11.94 -10.94 -0.22
CA LYS A 216 11.32 -10.81 -1.55
C LYS A 216 9.91 -11.43 -1.61
N SER A 217 9.69 -12.56 -0.92
CA SER A 217 8.37 -13.21 -0.87
C SER A 217 7.36 -12.37 -0.05
N ILE A 218 7.78 -11.91 1.14
CA ILE A 218 6.92 -11.11 2.01
C ILE A 218 6.41 -9.91 1.24
N VAL A 219 7.33 -9.16 0.65
CA VAL A 219 7.07 -7.89 -0.02
C VAL A 219 6.16 -8.09 -1.25
N LYS A 220 6.37 -9.16 -2.00
CA LYS A 220 5.56 -9.45 -3.20
C LYS A 220 4.07 -9.55 -2.81
N TYR A 221 3.79 -10.34 -1.78
CA TYR A 221 2.43 -10.60 -1.32
C TYR A 221 1.85 -9.48 -0.45
N LYS A 222 2.60 -8.96 0.53
CA LYS A 222 2.02 -8.00 1.48
C LYS A 222 1.72 -6.61 0.90
N THR A 223 2.45 -6.17 -0.13
CA THR A 223 2.19 -4.83 -0.64
C THR A 223 2.19 -4.69 -2.13
N ALA A 224 3.04 -5.43 -2.85
CA ALA A 224 3.17 -5.22 -4.29
C ALA A 224 1.85 -5.43 -5.05
N PHE A 225 1.06 -6.50 -4.77
CA PHE A 225 -0.20 -6.73 -5.49
C PHE A 225 -1.20 -5.60 -5.31
N TYR A 226 -1.59 -5.27 -4.05
CA TYR A 226 -2.62 -4.24 -3.81
C TYR A 226 -2.16 -2.81 -4.15
N SER A 227 -0.86 -2.51 -3.98
CA SER A 227 -0.40 -1.14 -4.19
C SER A 227 -0.21 -0.78 -5.65
N PHE A 228 0.28 -1.72 -6.49
CA PHE A 228 0.55 -1.37 -7.89
C PHE A 228 -0.22 -2.20 -8.90
N TYR A 229 -0.30 -3.52 -8.71
CA TYR A 229 -1.02 -4.31 -9.69
C TYR A 229 -2.52 -3.99 -9.65
N LEU A 230 -3.16 -4.02 -8.46
CA LEU A 230 -4.61 -3.79 -8.31
C LEU A 230 -5.13 -2.48 -9.00
N PRO A 231 -4.60 -1.25 -8.76
CA PRO A 231 -5.21 -0.09 -9.43
C PRO A 231 -5.09 -0.11 -10.97
N ILE A 232 -3.94 -0.56 -11.51
CA ILE A 232 -3.76 -0.60 -12.97
C ILE A 232 -4.67 -1.68 -13.58
N ALA A 233 -4.73 -2.87 -12.94
CA ALA A 233 -5.58 -3.95 -13.41
C ALA A 233 -7.04 -3.54 -13.38
N ALA A 234 -7.48 -2.80 -12.33
CA ALA A 234 -8.87 -2.30 -12.25
C ALA A 234 -9.17 -1.39 -13.46
N ALA A 235 -8.26 -0.44 -13.77
CA ALA A 235 -8.41 0.45 -14.94
C ALA A 235 -8.40 -0.35 -16.23
N MET A 236 -7.52 -1.38 -16.33
CA MET A 236 -7.44 -2.26 -17.51
C MET A 236 -8.76 -2.97 -17.72
N TYR A 237 -9.37 -3.56 -16.64
CA TYR A 237 -10.65 -4.26 -16.81
C TYR A 237 -11.78 -3.30 -17.21
N MET A 238 -11.79 -2.09 -16.64
CA MET A 238 -12.78 -1.04 -16.93
C MET A 238 -12.68 -0.57 -18.38
N ALA A 239 -11.47 -0.64 -18.98
CA ALA A 239 -11.22 -0.24 -20.37
C ALA A 239 -11.45 -1.41 -21.33
N GLY A 240 -11.82 -2.57 -20.79
CA GLY A 240 -12.10 -3.78 -21.55
C GLY A 240 -10.85 -4.57 -21.93
N ILE A 241 -9.73 -4.36 -21.21
CA ILE A 241 -8.49 -5.09 -21.44
C ILE A 241 -8.47 -6.21 -20.44
N ASP A 242 -8.95 -7.41 -20.84
CA ASP A 242 -9.06 -8.52 -19.90
C ASP A 242 -8.15 -9.72 -20.26
N GLY A 243 -7.33 -9.58 -21.31
CA GLY A 243 -6.41 -10.61 -21.76
C GLY A 243 -5.40 -11.05 -20.72
N GLU A 244 -5.26 -12.38 -20.55
CA GLU A 244 -4.34 -13.00 -19.60
C GLU A 244 -2.89 -12.51 -19.83
N LYS A 245 -2.43 -12.50 -21.09
CA LYS A 245 -1.08 -12.07 -21.48
C LYS A 245 -0.81 -10.61 -21.09
N GLU A 246 -1.74 -9.66 -21.40
CA GLU A 246 -1.58 -8.24 -21.10
C GLU A 246 -1.53 -8.00 -19.59
N HIS A 247 -2.35 -8.72 -18.82
CA HIS A 247 -2.34 -8.62 -17.35
C HIS A 247 -1.01 -9.17 -16.80
N ALA A 248 -0.49 -10.28 -17.38
CA ALA A 248 0.77 -10.88 -16.99
C ALA A 248 1.95 -9.94 -17.27
N ASN A 249 1.93 -9.26 -18.43
CA ASN A 249 2.99 -8.33 -18.81
C ASN A 249 2.98 -7.11 -17.88
N ALA A 250 1.79 -6.55 -17.56
CA ALA A 250 1.64 -5.41 -16.64
C ALA A 250 2.16 -5.78 -15.25
N LYS A 251 1.74 -6.95 -14.73
CA LYS A 251 2.13 -7.49 -13.44
C LYS A 251 3.67 -7.58 -13.32
N LYS A 252 4.37 -7.99 -14.38
CA LYS A 252 5.83 -8.13 -14.42
C LYS A 252 6.52 -6.78 -14.03
N ILE A 253 6.05 -5.67 -14.63
CA ILE A 253 6.55 -4.33 -14.29
C ILE A 253 6.12 -3.93 -12.85
N LEU A 254 4.80 -4.01 -12.57
CA LEU A 254 4.18 -3.51 -11.35
C LEU A 254 4.64 -4.20 -10.06
N LEU A 255 4.91 -5.52 -10.10
CA LEU A 255 5.37 -6.21 -8.90
C LEU A 255 6.80 -5.80 -8.56
N GLU A 256 7.64 -5.53 -9.59
CA GLU A 256 9.00 -5.06 -9.36
C GLU A 256 8.99 -3.64 -8.77
N MET A 257 8.06 -2.79 -9.26
CA MET A 257 7.84 -1.44 -8.73
C MET A 257 7.37 -1.52 -7.26
N GLY A 258 6.49 -2.47 -6.97
CA GLY A 258 6.01 -2.76 -5.61
C GLY A 258 7.13 -3.16 -4.65
N GLU A 259 8.09 -3.96 -5.15
CA GLU A 259 9.25 -4.39 -4.36
C GLU A 259 10.06 -3.17 -3.97
N PHE A 260 10.36 -2.26 -4.93
CA PHE A 260 11.10 -1.05 -4.62
C PHE A 260 10.32 -0.16 -3.62
N ALA A 261 9.00 0.00 -3.80
CA ALA A 261 8.19 0.83 -2.91
C ALA A 261 8.25 0.33 -1.44
N GLN A 262 8.27 -1.00 -1.23
CA GLN A 262 8.33 -1.54 0.13
C GLN A 262 9.73 -1.39 0.70
N ILE A 263 10.77 -1.44 -0.16
CA ILE A 263 12.17 -1.25 0.31
C ILE A 263 12.33 0.18 0.77
N GLN A 264 11.81 1.13 -0.03
CA GLN A 264 11.83 2.55 0.30
C GLN A 264 11.06 2.78 1.62
N ASP A 265 9.85 2.17 1.77
CA ASP A 265 9.04 2.24 2.99
C ASP A 265 9.84 1.75 4.20
N ASP A 266 10.60 0.64 4.04
CA ASP A 266 11.43 0.07 5.11
C ASP A 266 12.60 1.04 5.44
N TYR A 267 13.23 1.63 4.42
CA TYR A 267 14.31 2.61 4.63
C TYR A 267 13.78 3.84 5.40
N LEU A 268 12.61 4.37 4.98
CA LEU A 268 12.02 5.56 5.61
C LEU A 268 11.49 5.27 7.01
N ASP A 269 11.28 3.98 7.36
CA ASP A 269 10.82 3.61 8.71
C ASP A 269 11.83 4.06 9.73
N LEU A 270 13.11 4.02 9.37
CA LEU A 270 14.16 4.45 10.30
C LEU A 270 14.80 5.79 9.91
N PHE A 271 15.07 5.99 8.64
CA PHE A 271 15.80 7.18 8.19
C PHE A 271 14.91 8.30 7.60
N GLY A 272 13.58 8.12 7.56
CA GLY A 272 12.68 9.15 7.06
C GLY A 272 12.26 10.18 8.09
N ASP A 273 11.78 11.36 7.64
CA ASP A 273 11.32 12.43 8.54
C ASP A 273 9.84 12.20 8.88
N PRO A 274 9.45 11.91 10.15
CA PRO A 274 8.02 11.66 10.44
C PRO A 274 7.09 12.84 10.10
N SER A 275 7.65 14.08 9.96
CA SER A 275 6.85 15.24 9.53
C SER A 275 6.50 15.08 8.05
N VAL A 276 7.31 14.32 7.29
CA VAL A 276 7.10 14.02 5.88
C VAL A 276 6.31 12.67 5.75
N THR A 277 6.77 11.58 6.42
CA THR A 277 6.13 10.25 6.31
C THR A 277 4.74 10.19 7.00
N GLY A 278 4.53 11.02 8.02
CA GLY A 278 3.29 11.09 8.78
C GLY A 278 3.14 9.97 9.80
N LYS A 279 4.18 9.13 9.95
CA LYS A 279 4.15 7.99 10.85
C LYS A 279 5.52 7.75 11.51
N ILE A 280 5.50 7.09 12.68
CA ILE A 280 6.67 6.73 13.46
C ILE A 280 7.01 5.27 13.20
N GLY A 281 8.28 5.03 12.88
CA GLY A 281 8.81 3.71 12.59
C GLY A 281 8.83 2.77 13.78
N THR A 282 8.54 1.47 13.57
CA THR A 282 8.51 0.45 14.65
C THR A 282 9.19 -0.86 14.22
N ASP A 283 9.79 -0.93 13.00
CA ASP A 283 10.36 -2.19 12.45
C ASP A 283 11.40 -2.87 13.36
N ILE A 284 12.32 -2.08 13.95
CA ILE A 284 13.36 -2.63 14.82
C ILE A 284 12.71 -3.22 16.06
N GLN A 285 11.86 -2.44 16.78
CA GLN A 285 11.17 -2.90 18.00
C GLN A 285 10.27 -4.11 17.72
N ASP A 286 9.62 -4.17 16.53
CA ASP A 286 8.73 -5.26 16.14
C ASP A 286 9.43 -6.48 15.55
N ASN A 287 10.79 -6.51 15.53
CA ASN A 287 11.58 -7.66 15.04
C ASN A 287 11.25 -7.98 13.58
N LYS A 288 10.97 -6.96 12.78
CA LYS A 288 10.56 -7.16 11.39
C LYS A 288 11.72 -7.51 10.50
N CYS A 289 11.40 -8.32 9.46
CA CYS A 289 12.33 -8.67 8.39
C CYS A 289 12.36 -7.49 7.41
N SER A 290 12.99 -6.39 7.84
CA SER A 290 13.16 -5.16 7.07
C SER A 290 14.28 -5.35 6.04
N TRP A 291 14.24 -4.55 4.94
CA TRP A 291 15.31 -4.56 3.93
C TRP A 291 16.62 -4.15 4.59
N LEU A 292 16.54 -3.24 5.57
CA LEU A 292 17.71 -2.74 6.32
C LEU A 292 18.43 -3.84 7.08
N VAL A 293 17.67 -4.68 7.84
CA VAL A 293 18.26 -5.76 8.64
C VAL A 293 18.83 -6.84 7.72
N VAL A 294 18.19 -7.10 6.57
CA VAL A 294 18.69 -8.08 5.60
C VAL A 294 20.06 -7.58 5.05
N GLN A 295 20.17 -6.29 4.73
CA GLN A 295 21.42 -5.70 4.21
C GLN A 295 22.51 -5.69 5.31
N CYS A 296 22.12 -5.45 6.57
CA CYS A 296 23.03 -5.42 7.72
C CYS A 296 23.68 -6.79 7.88
N LEU A 297 22.85 -7.86 7.85
CA LEU A 297 23.29 -9.24 8.01
C LEU A 297 24.23 -9.71 6.89
N GLN A 298 24.11 -9.13 5.70
CA GLN A 298 24.99 -9.48 4.58
C GLN A 298 26.37 -8.79 4.69
N ARG A 299 26.46 -7.68 5.43
CA ARG A 299 27.69 -6.88 5.55
C ARG A 299 28.36 -6.91 6.93
N ALA A 300 27.68 -7.49 7.94
CA ALA A 300 28.15 -7.49 9.33
C ALA A 300 29.29 -8.47 9.61
N THR A 301 30.27 -8.04 10.44
CA THR A 301 31.38 -8.89 10.91
C THR A 301 30.81 -9.78 12.02
N PRO A 302 31.46 -10.90 12.45
CA PRO A 302 30.89 -11.70 13.56
C PRO A 302 30.55 -10.88 14.81
N GLU A 303 31.34 -9.81 15.09
CA GLU A 303 31.14 -8.90 16.23
C GLU A 303 29.87 -8.07 16.04
N GLN A 304 29.68 -7.49 14.84
CA GLN A 304 28.52 -6.67 14.48
C GLN A 304 27.23 -7.49 14.51
N TYR A 305 27.30 -8.79 14.12
CA TYR A 305 26.15 -9.71 14.19
C TYR A 305 25.66 -9.85 15.64
N GLN A 306 26.60 -9.97 16.61
CA GLN A 306 26.30 -10.11 18.03
C GLN A 306 25.61 -8.86 18.58
N ILE A 307 26.01 -7.66 18.14
CA ILE A 307 25.40 -6.39 18.53
C ILE A 307 23.92 -6.42 18.07
N LEU A 308 23.68 -6.78 16.80
CA LEU A 308 22.36 -6.89 16.21
C LEU A 308 21.50 -7.90 16.98
N LYS A 309 22.03 -9.12 17.23
CA LYS A 309 21.35 -10.18 17.98
C LYS A 309 20.89 -9.69 19.36
N GLU A 310 21.75 -8.96 20.06
CA GLU A 310 21.50 -8.46 21.42
C GLU A 310 20.50 -7.33 21.48
N ASN A 311 20.40 -6.50 20.41
CA ASN A 311 19.59 -5.30 20.45
C ASN A 311 18.34 -5.28 19.56
N TYR A 312 18.26 -6.15 18.54
CA TYR A 312 17.11 -6.13 17.62
C TYR A 312 15.85 -6.78 18.25
N GLY A 313 14.68 -6.34 17.79
CA GLY A 313 13.38 -6.86 18.20
C GLY A 313 12.95 -6.60 19.63
N GLN A 314 13.47 -5.50 20.22
CA GLN A 314 13.16 -5.14 21.61
C GLN A 314 12.69 -3.69 21.73
N LYS A 315 11.86 -3.42 22.74
CA LYS A 315 11.23 -2.11 22.93
C LYS A 315 12.13 -1.04 23.58
N GLU A 316 13.31 -1.41 24.12
CA GLU A 316 14.22 -0.46 24.77
C GLU A 316 14.79 0.54 23.78
N ALA A 317 14.60 1.85 24.04
CA ALA A 317 15.05 2.94 23.17
C ALA A 317 16.56 2.90 22.90
N GLU A 318 17.37 2.57 23.93
CA GLU A 318 18.83 2.47 23.82
C GLU A 318 19.25 1.31 22.88
N LYS A 319 18.48 0.19 22.86
CA LYS A 319 18.75 -0.95 21.99
C LYS A 319 18.41 -0.59 20.53
N VAL A 320 17.30 0.12 20.31
CA VAL A 320 16.89 0.60 18.99
C VAL A 320 17.98 1.54 18.45
N ALA A 321 18.43 2.51 19.29
CA ALA A 321 19.48 3.46 18.94
C ALA A 321 20.77 2.72 18.55
N ARG A 322 21.12 1.62 19.29
CA ARG A 322 22.29 0.79 18.99
C ARG A 322 22.20 0.17 17.59
N VAL A 323 21.01 -0.34 17.20
CA VAL A 323 20.80 -0.92 15.87
C VAL A 323 20.99 0.17 14.79
N LYS A 324 20.37 1.35 14.98
CA LYS A 324 20.48 2.47 14.03
C LYS A 324 21.95 2.90 13.87
N ALA A 325 22.73 2.88 14.98
CA ALA A 325 24.16 3.23 14.97
C ALA A 325 24.94 2.25 14.09
N LEU A 326 24.59 0.95 14.19
CA LEU A 326 25.20 -0.13 13.41
C LEU A 326 24.88 0.05 11.91
N TYR A 327 23.63 0.38 11.60
CA TYR A 327 23.18 0.62 10.21
C TYR A 327 23.99 1.77 9.57
N GLU A 328 24.13 2.90 10.28
CA GLU A 328 24.90 4.07 9.83
C GLU A 328 26.40 3.75 9.73
N GLU A 329 26.89 2.80 10.55
CA GLU A 329 28.30 2.38 10.54
C GLU A 329 28.59 1.56 9.26
N LEU A 330 27.61 0.74 8.83
CA LEU A 330 27.73 -0.10 7.64
C LEU A 330 27.31 0.63 6.34
N ASP A 331 27.05 1.96 6.44
CA ASP A 331 26.66 2.89 5.36
C ASP A 331 25.43 2.38 4.61
N LEU A 332 24.41 1.91 5.34
CA LEU A 332 23.19 1.41 4.73
C LEU A 332 22.40 2.58 4.03
N PRO A 333 22.36 3.87 4.50
CA PRO A 333 21.69 4.92 3.70
C PRO A 333 22.32 5.10 2.31
N ALA A 334 23.67 4.96 2.21
CA ALA A 334 24.40 5.01 0.94
C ALA A 334 24.08 3.76 0.10
N VAL A 335 23.98 2.56 0.75
CA VAL A 335 23.65 1.30 0.08
C VAL A 335 22.23 1.44 -0.51
N PHE A 336 21.31 2.09 0.23
CA PHE A 336 19.95 2.34 -0.25
C PHE A 336 19.97 3.27 -1.47
N LEU A 337 20.75 4.38 -1.41
CA LEU A 337 20.85 5.36 -2.51
C LEU A 337 21.28 4.68 -3.81
N GLN A 338 22.30 3.81 -3.74
CA GLN A 338 22.80 3.03 -4.88
C GLN A 338 21.72 2.05 -5.38
N TYR A 339 20.92 1.44 -4.44
CA TYR A 339 19.84 0.50 -4.79
C TYR A 339 18.72 1.20 -5.56
N GLU A 340 18.31 2.42 -5.12
CA GLU A 340 17.25 3.21 -5.79
C GLU A 340 17.63 3.46 -7.27
N GLU A 341 18.91 3.80 -7.52
CA GLU A 341 19.44 4.05 -8.87
C GLU A 341 19.37 2.76 -9.71
N ASP A 342 19.92 1.64 -9.19
CA ASP A 342 19.89 0.33 -9.86
C ASP A 342 18.46 -0.14 -10.11
N SER A 343 17.55 0.00 -9.12
CA SER A 343 16.15 -0.39 -9.25
C SER A 343 15.45 0.43 -10.34
N TYR A 344 15.63 1.78 -10.33
CA TYR A 344 15.05 2.70 -11.31
C TYR A 344 15.41 2.26 -12.73
N SER A 345 16.70 1.98 -13.00
CA SER A 345 17.16 1.53 -14.32
C SER A 345 16.53 0.18 -14.72
N HIS A 346 16.41 -0.74 -13.75
CA HIS A 346 15.80 -2.07 -13.94
C HIS A 346 14.31 -1.97 -14.29
N ILE A 347 13.54 -1.14 -13.56
CA ILE A 347 12.12 -0.95 -13.82
C ILE A 347 11.92 -0.30 -15.21
N MET A 348 12.82 0.64 -15.62
CA MET A 348 12.74 1.30 -16.92
C MET A 348 13.02 0.30 -18.04
N ALA A 349 13.95 -0.64 -17.80
CA ALA A 349 14.26 -1.72 -18.78
C ALA A 349 13.04 -2.66 -18.90
N LEU A 350 12.30 -2.90 -17.81
CA LEU A 350 11.09 -3.74 -17.83
C LEU A 350 9.93 -3.04 -18.53
N ILE A 351 9.84 -1.69 -18.40
CA ILE A 351 8.83 -0.91 -19.12
C ILE A 351 9.12 -1.06 -20.63
N GLU A 352 10.39 -0.88 -21.04
CA GLU A 352 10.77 -1.03 -22.46
C GLU A 352 10.43 -2.43 -22.97
N GLN A 353 10.62 -3.46 -22.13
CA GLN A 353 10.37 -4.85 -22.51
C GLN A 353 8.86 -5.26 -22.55
N TYR A 354 8.07 -4.89 -21.54
CA TYR A 354 6.71 -5.39 -21.33
C TYR A 354 5.54 -4.38 -21.39
N ALA A 355 5.79 -3.07 -21.58
CA ALA A 355 4.70 -2.08 -21.60
C ALA A 355 3.72 -2.30 -22.76
N ALA A 356 4.26 -2.50 -23.99
CA ALA A 356 3.49 -2.72 -25.22
C ALA A 356 2.45 -3.85 -25.05
N PRO A 357 1.19 -3.66 -25.52
CA PRO A 357 0.69 -2.52 -26.31
C PRO A 357 0.15 -1.34 -25.48
N LEU A 358 0.31 -1.36 -24.14
CA LEU A 358 -0.18 -0.26 -23.32
C LEU A 358 0.70 0.98 -23.48
N PRO A 359 0.18 2.22 -23.35
CA PRO A 359 1.07 3.39 -23.48
C PRO A 359 2.10 3.41 -22.35
N PRO A 360 3.41 3.54 -22.67
CA PRO A 360 4.44 3.57 -21.60
C PRO A 360 4.16 4.60 -20.50
N ALA A 361 3.46 5.72 -20.84
CA ALA A 361 3.10 6.78 -19.90
C ALA A 361 2.30 6.27 -18.68
N VAL A 362 1.57 5.13 -18.81
CA VAL A 362 0.80 4.53 -17.72
C VAL A 362 1.78 4.11 -16.60
N PHE A 363 2.91 3.51 -16.99
CA PHE A 363 3.93 3.02 -16.07
C PHE A 363 4.91 4.09 -15.67
N LEU A 364 5.22 5.04 -16.58
CA LEU A 364 6.17 6.13 -16.32
C LEU A 364 5.62 7.11 -15.28
N GLY A 365 4.33 7.41 -15.32
CA GLY A 365 3.68 8.31 -14.36
C GLY A 365 3.77 7.77 -12.96
N LEU A 366 3.55 6.46 -12.80
CA LEU A 366 3.64 5.76 -11.53
C LEU A 366 5.11 5.72 -11.05
N ALA A 367 6.06 5.45 -11.97
CA ALA A 367 7.49 5.42 -11.65
C ALA A 367 7.99 6.79 -11.14
N ARG A 368 7.46 7.89 -11.70
CA ARG A 368 7.77 9.28 -11.33
C ARG A 368 7.30 9.56 -9.89
N LYS A 369 6.14 8.99 -9.50
CA LYS A 369 5.58 9.12 -8.17
C LYS A 369 6.37 8.28 -7.15
N ILE A 370 6.79 7.05 -7.50
CA ILE A 370 7.53 6.17 -6.58
C ILE A 370 8.98 6.66 -6.35
N TYR A 371 9.73 6.96 -7.42
CA TYR A 371 11.13 7.34 -7.30
C TYR A 371 11.30 8.83 -7.05
N LYS A 372 11.87 9.20 -5.90
CA LYS A 372 12.07 10.60 -5.50
C LYS A 372 13.53 11.00 -5.59
MG MG B . 2.82 -1.28 9.66
MG MG C . 6.65 0.22 7.03
MG MG D . 2.99 -4.25 8.96
P1 210 E . 3.55 0.75 7.12
O2 210 E . 2.97 0.49 8.56
O3 210 E . 4.99 1.24 7.14
O5 210 E . 2.61 1.81 6.61
C7 210 E . 3.34 -0.74 6.07
P8 210 E . 4.28 -2.09 6.81
O9 210 E . 3.70 -2.55 8.20
O10 210 E . 5.74 -1.59 6.98
O12 210 E . 4.37 -3.26 5.89
O14 210 E . 3.90 -0.51 4.83
C16 210 E . 1.90 -1.09 6.00
C19 210 E . 1.45 -2.28 5.21
N22 210 E . 2.29 -2.68 4.11
C1 EDO F . -10.76 -14.74 -5.98
O1 EDO F . -12.12 -14.70 -6.36
C2 EDO F . -10.68 -15.33 -4.55
O2 EDO F . -9.53 -14.83 -3.86
C1 PEG G . -6.22 2.26 22.96
O1 PEG G . -7.43 2.93 23.06
C2 PEG G . -6.21 0.77 23.02
O2 PEG G . -5.44 0.06 22.11
C3 PEG G . -5.60 -1.30 22.00
C4 PEG G . -4.42 -2.18 22.32
O4 PEG G . -3.67 -2.76 21.31
#